data_5IML
#
_entry.id   5IML
#
_cell.length_a   29.269
_cell.length_b   50.048
_cell.length_c   160.648
_cell.angle_alpha   90.00
_cell.angle_beta   90.00
_cell.angle_gamma   90.00
#
_symmetry.space_group_name_H-M   'P 21 21 21'
#
loop_
_entity.id
_entity.type
_entity.pdbx_description
1 polymer 'V-set and immunoglobulin domain-containing protein 4'
2 polymer Nanobody
3 water water
#
loop_
_entity_poly.entity_id
_entity_poly.type
_entity_poly.pdbx_seq_one_letter_code
_entity_poly.pdbx_strand_id
1 'polypeptide(L)'
;HHHHHHGRPILEVPESVTGPWKGDVNLPCTYDPLQGYTQVLVKWLVQRGSDPVTIFLRDSSGDHIQQAKYQGRLHVSHKV
PGDVSLQLSTLEMDDRSHYTCEVTWQTPDGNQVVRDKITELRVQKLSVSKPTVTTGSGYGFTVPQGMRISLQCQARGSPP
ISYIWYKQQTNNQEPIKVATLSTLLFKPAVIADSGSYFCTAKGQVGSEQHSDIVKFVVKD
;
A
2 'polypeptide(L)'
;QVQLVESGGGLVQAGGSLRLSCAASGRTFSSYGMGWFRQAPGKEREFVAAIRWNGGSTYYADSVKGRFTISRDNAKNTVY
LQMNSLKPEDTAVYYCAAGRWDKYGSSFQDEYDYWGQGTQVTVSSHHHHHH
;
B
#
# COMPACT_ATOMS: atom_id res chain seq x y z
N GLY A 7 2.73 9.97 16.32
CA GLY A 7 2.07 11.20 15.76
C GLY A 7 0.74 10.83 15.09
N ARG A 8 0.80 10.12 13.96
CA ARG A 8 -0.39 9.55 13.35
C ARG A 8 -0.43 8.02 13.55
N PRO A 9 -1.64 7.44 13.53
CA PRO A 9 -1.72 6.04 13.92
C PRO A 9 -1.27 5.16 12.77
N ILE A 10 -0.77 4.00 13.16
CA ILE A 10 -0.15 3.05 12.23
C ILE A 10 -0.80 1.68 12.31
N LEU A 11 -1.38 1.26 11.19
CA LEU A 11 -2.01 -0.04 11.07
C LEU A 11 -1.01 -1.16 10.91
N GLU A 12 -1.32 -2.22 11.62
CA GLU A 12 -0.49 -3.40 11.73
C GLU A 12 -1.28 -4.60 11.21
N VAL A 13 -0.89 -5.10 10.04
CA VAL A 13 -1.49 -6.26 9.44
C VAL A 13 -0.39 -7.19 8.89
N PRO A 14 -0.36 -8.48 9.31
CA PRO A 14 0.72 -9.32 8.76
C PRO A 14 0.62 -9.58 7.27
N GLU A 15 1.77 -9.91 6.67
CA GLU A 15 1.91 -10.10 5.24
C GLU A 15 0.97 -11.19 4.78
N SER A 16 0.86 -12.25 5.55
CA SER A 16 0.05 -13.38 5.17
C SER A 16 -0.46 -14.02 6.39
N VAL A 17 -1.64 -14.63 6.24
CA VAL A 17 -2.25 -15.46 7.26
C VAL A 17 -2.68 -16.75 6.63
N THR A 18 -2.44 -17.86 7.34
CA THR A 18 -2.84 -19.18 6.88
C THR A 18 -3.83 -19.79 7.88
N GLY A 19 -4.97 -20.25 7.34
CA GLY A 19 -6.01 -20.83 8.17
C GLY A 19 -6.37 -22.22 7.65
N PRO A 20 -6.92 -23.07 8.54
CA PRO A 20 -7.38 -24.43 8.18
C PRO A 20 -8.66 -24.43 7.34
N TRP A 21 -8.70 -25.22 6.28
CA TRP A 21 -9.92 -25.45 5.52
C TRP A 21 -11.05 -25.92 6.42
N LYS A 22 -12.18 -25.23 6.30
CA LYS A 22 -13.42 -25.49 7.04
C LYS A 22 -13.31 -25.17 8.52
N GLY A 23 -12.18 -24.59 8.91
CA GLY A 23 -11.99 -24.14 10.26
C GLY A 23 -12.16 -22.63 10.33
N ASP A 24 -11.61 -22.03 11.39
CA ASP A 24 -11.67 -20.57 11.55
C ASP A 24 -10.30 -19.88 11.50
N VAL A 25 -10.33 -18.58 11.20
CA VAL A 25 -9.11 -17.80 11.12
C VAL A 25 -9.39 -16.37 11.53
N ASN A 26 -8.33 -15.73 12.01
CA ASN A 26 -8.33 -14.35 12.45
C ASN A 26 -7.32 -13.61 11.60
N LEU A 27 -7.78 -12.60 10.87
CA LEU A 27 -6.93 -11.76 10.13
C LEU A 27 -6.61 -10.51 10.98
N PRO A 28 -5.39 -10.41 11.49
CA PRO A 28 -5.21 -9.28 12.42
C PRO A 28 -5.16 -7.92 11.70
N CYS A 29 -5.78 -6.96 12.40
CA CYS A 29 -5.66 -5.58 12.00
C CYS A 29 -5.76 -4.77 13.23
N THR A 30 -4.61 -4.26 13.66
CA THR A 30 -4.57 -3.63 14.97
C THR A 30 -3.76 -2.35 14.89
N TYR A 31 -4.02 -1.46 15.85
CA TYR A 31 -3.23 -0.24 15.98
C TYR A 31 -3.23 0.17 17.46
N ASP A 32 -2.26 1.02 17.80
CA ASP A 32 -2.16 1.60 19.13
C ASP A 32 -3.01 2.88 19.16
N PRO A 33 -4.15 2.86 19.89
CA PRO A 33 -4.98 4.07 19.91
C PRO A 33 -4.25 5.30 20.47
N LEU A 34 -4.43 6.43 19.80
CA LEU A 34 -3.80 7.69 20.23
C LEU A 34 -4.82 8.68 20.75
N GLN A 35 -4.43 9.42 21.79
CA GLN A 35 -5.24 10.52 22.30
C GLN A 35 -5.61 11.43 21.15
N GLY A 36 -6.91 11.72 21.08
CA GLY A 36 -7.37 12.71 20.15
C GLY A 36 -7.68 12.14 18.80
N TYR A 37 -7.47 10.82 18.63
CA TYR A 37 -7.90 10.16 17.41
C TYR A 37 -9.16 9.35 17.70
N THR A 38 -10.22 9.66 16.96
CA THR A 38 -11.49 8.99 17.11
C THR A 38 -11.71 8.08 15.92
N GLN A 39 -11.91 6.80 16.19
CA GLN A 39 -12.19 5.86 15.09
C GLN A 39 -13.64 6.11 14.59
N VAL A 40 -13.79 6.47 13.32
CA VAL A 40 -15.14 6.70 12.76
C VAL A 40 -15.59 5.64 11.75
N LEU A 41 -14.67 4.91 11.15
CA LEU A 41 -15.02 3.89 10.17
C LEU A 41 -14.01 2.76 10.13
N VAL A 42 -14.52 1.53 10.09
CA VAL A 42 -13.70 0.40 9.74
C VAL A 42 -14.30 -0.32 8.54
N LYS A 43 -13.47 -0.65 7.55
CA LYS A 43 -13.88 -1.46 6.42
C LYS A 43 -12.89 -2.59 6.16
N TRP A 44 -13.45 -3.75 5.79
CA TRP A 44 -12.68 -4.85 5.26
C TRP A 44 -13.15 -5.07 3.85
N LEU A 45 -12.16 -5.24 2.95
CA LEU A 45 -12.43 -5.46 1.56
C LEU A 45 -11.74 -6.74 1.12
N VAL A 46 -12.29 -7.37 0.08
CA VAL A 46 -11.63 -8.53 -0.51
C VAL A 46 -11.42 -8.29 -2.00
N GLN A 47 -10.33 -8.85 -2.48
CA GLN A 47 -9.84 -8.63 -3.83
C GLN A 47 -10.43 -9.70 -4.70
N ARG A 48 -11.57 -9.39 -5.31
CA ARG A 48 -12.21 -10.27 -6.27
C ARG A 48 -11.98 -9.64 -7.62
N GLY A 49 -10.94 -10.14 -8.27
CA GLY A 49 -10.53 -9.64 -9.55
C GLY A 49 -9.31 -8.78 -9.38
N SER A 50 -9.38 -7.65 -10.07
CA SER A 50 -8.40 -6.61 -9.93
C SER A 50 -9.01 -5.54 -9.06
N ASP A 51 -10.23 -5.77 -8.57
CA ASP A 51 -10.90 -4.72 -7.81
C ASP A 51 -11.38 -5.22 -6.43
N PRO A 52 -11.04 -4.47 -5.37
CA PRO A 52 -11.59 -4.81 -4.07
C PRO A 52 -13.06 -4.42 -3.93
N VAL A 53 -13.77 -5.26 -3.20
CA VAL A 53 -15.15 -4.98 -2.88
C VAL A 53 -15.27 -5.12 -1.39
N THR A 54 -16.11 -4.27 -0.85
CA THR A 54 -16.30 -4.19 0.61
C THR A 54 -17.09 -5.42 1.09
N ILE A 55 -16.63 -6.08 2.14
CA ILE A 55 -17.38 -7.20 2.70
C ILE A 55 -17.85 -6.91 4.17
N PHE A 56 -17.24 -5.90 4.80
CA PHE A 56 -17.61 -5.55 6.17
C PHE A 56 -17.39 -4.07 6.36
N LEU A 57 -18.36 -3.42 6.99
CA LEU A 57 -18.29 -2.01 7.31
C LEU A 57 -18.80 -1.78 8.74
N ARG A 58 -18.02 -1.05 9.51
CA ARG A 58 -18.43 -0.62 10.84
C ARG A 58 -18.41 0.93 10.90
N ASP A 59 -19.55 1.48 11.27
CA ASP A 59 -19.75 2.91 11.35
C ASP A 59 -20.63 3.24 12.52
N SER A 60 -21.19 4.46 12.53
CA SER A 60 -21.96 4.90 13.69
C SER A 60 -23.22 4.08 14.00
N SER A 61 -23.74 3.36 12.99
CA SER A 61 -24.92 2.52 13.15
C SER A 61 -24.54 1.04 13.36
N GLY A 62 -23.26 0.78 13.50
CA GLY A 62 -22.82 -0.59 13.74
C GLY A 62 -22.24 -1.33 12.56
N ASP A 63 -22.44 -2.65 12.59
CA ASP A 63 -21.76 -3.53 11.62
C ASP A 63 -22.67 -3.84 10.44
N HIS A 64 -22.08 -3.82 9.24
CA HIS A 64 -22.82 -4.17 8.02
C HIS A 64 -22.07 -5.17 7.17
N ILE A 65 -22.70 -6.30 6.91
CA ILE A 65 -22.07 -7.33 6.12
C ILE A 65 -22.64 -7.25 4.69
N GLN A 66 -21.76 -7.01 3.74
CA GLN A 66 -22.14 -6.52 2.42
C GLN A 66 -22.26 -7.57 1.30
N GLN A 67 -21.90 -8.82 1.58
CA GLN A 67 -22.20 -9.93 0.67
C GLN A 67 -22.81 -11.07 1.45
N ALA A 68 -23.81 -11.69 0.83
CA ALA A 68 -24.64 -12.71 1.44
C ALA A 68 -23.91 -14.00 1.91
N LYS A 69 -22.81 -14.36 1.28
CA LYS A 69 -22.02 -15.51 1.69
C LYS A 69 -21.25 -15.33 2.98
N TYR A 70 -21.16 -14.09 3.46
CA TYR A 70 -20.47 -13.83 4.72
C TYR A 70 -21.42 -13.68 5.88
N GLN A 71 -22.71 -13.56 5.59
CA GLN A 71 -23.68 -13.34 6.67
C GLN A 71 -23.76 -14.57 7.59
N GLY A 72 -23.27 -14.39 8.83
CA GLY A 72 -23.21 -15.44 9.83
C GLY A 72 -21.84 -16.11 9.92
N ARG A 73 -20.90 -15.67 9.08
CA ARG A 73 -19.55 -16.22 8.99
C ARG A 73 -18.48 -15.23 9.35
N LEU A 74 -18.84 -13.95 9.27
CA LEU A 74 -17.86 -12.88 9.35
C LEU A 74 -18.10 -12.06 10.63
N HIS A 75 -17.05 -11.83 11.41
CA HIS A 75 -17.18 -11.01 12.63
C HIS A 75 -15.91 -10.21 12.90
N VAL A 76 -16.10 -9.10 13.58
CA VAL A 76 -15.02 -8.23 14.06
C VAL A 76 -15.29 -8.04 15.58
N SER A 77 -14.90 -9.03 16.38
CA SER A 77 -15.44 -9.26 17.74
C SER A 77 -14.48 -8.97 18.91
N HIS A 78 -13.23 -8.71 18.63
CA HIS A 78 -12.35 -8.31 19.70
C HIS A 78 -12.84 -7.00 20.29
N LYS A 79 -12.70 -6.86 21.59
CA LYS A 79 -13.25 -5.69 22.28
C LYS A 79 -12.15 -4.78 22.75
N VAL A 80 -10.92 -5.17 22.48
CA VAL A 80 -9.77 -4.37 22.83
C VAL A 80 -9.74 -3.13 21.92
N PRO A 81 -9.66 -1.90 22.49
CA PRO A 81 -9.59 -0.73 21.59
C PRO A 81 -8.38 -0.83 20.72
N GLY A 82 -8.59 -0.49 19.45
CA GLY A 82 -7.55 -0.57 18.46
C GLY A 82 -7.46 -1.92 17.79
N ASP A 83 -8.28 -2.87 18.19
CA ASP A 83 -8.25 -4.19 17.54
C ASP A 83 -9.47 -4.32 16.66
N VAL A 84 -9.28 -4.20 15.34
CA VAL A 84 -10.38 -4.41 14.36
C VAL A 84 -10.11 -5.62 13.43
N SER A 85 -9.55 -6.67 14.00
CA SER A 85 -9.24 -7.87 13.30
C SER A 85 -10.49 -8.57 12.78
N LEU A 86 -10.37 -9.19 11.60
CA LEU A 86 -11.45 -9.96 11.00
C LEU A 86 -11.44 -11.47 11.28
N GLN A 87 -12.57 -11.99 11.77
CA GLN A 87 -12.77 -13.41 12.01
C GLN A 87 -13.70 -14.01 10.97
N LEU A 88 -13.17 -14.98 10.24
CA LEU A 88 -13.94 -15.72 9.25
C LEU A 88 -14.07 -17.17 9.73
N SER A 89 -15.30 -17.68 9.88
CA SER A 89 -15.54 -19.07 10.29
C SER A 89 -15.90 -19.95 9.07
N THR A 90 -15.56 -21.24 9.17
CA THR A 90 -15.71 -22.24 8.11
C THR A 90 -15.08 -21.74 6.81
N LEU A 91 -13.76 -21.71 6.81
CA LEU A 91 -13.00 -21.24 5.65
C LEU A 91 -13.21 -22.12 4.44
N GLU A 92 -13.40 -21.47 3.30
CA GLU A 92 -13.58 -22.16 2.03
C GLU A 92 -12.38 -21.89 1.09
N MET A 93 -12.20 -22.73 0.08
CA MET A 93 -11.16 -22.52 -0.90
C MET A 93 -11.36 -21.16 -1.58
N ASP A 94 -12.62 -20.77 -1.73
CA ASP A 94 -12.99 -19.52 -2.36
C ASP A 94 -12.53 -18.31 -1.55
N ASP A 95 -12.26 -18.51 -0.26
CA ASP A 95 -11.82 -17.42 0.60
C ASP A 95 -10.34 -17.05 0.40
N ARG A 96 -9.56 -17.86 -0.28
CA ARG A 96 -8.19 -17.51 -0.59
C ARG A 96 -8.13 -16.23 -1.49
N SER A 97 -7.50 -15.18 -1.01
CA SER A 97 -7.56 -13.89 -1.67
C SER A 97 -6.74 -12.89 -0.88
N HIS A 98 -6.62 -11.68 -1.38
CA HIS A 98 -6.04 -10.60 -0.57
C HIS A 98 -7.14 -9.76 0.04
N TYR A 99 -6.95 -9.42 1.31
CA TYR A 99 -7.91 -8.68 2.10
C TYR A 99 -7.30 -7.37 2.54
N THR A 100 -8.10 -6.32 2.47
CA THR A 100 -7.65 -4.98 2.92
C THR A 100 -8.40 -4.58 4.16
N CYS A 101 -7.65 -4.11 5.16
CA CYS A 101 -8.19 -3.51 6.35
C CYS A 101 -8.00 -2.02 6.20
N GLU A 102 -9.11 -1.29 6.29
CA GLU A 102 -9.09 0.19 6.18
C GLU A 102 -9.78 0.90 7.36
N VAL A 103 -9.06 1.84 7.97
CA VAL A 103 -9.57 2.56 9.12
C VAL A 103 -9.49 4.05 8.90
N THR A 104 -10.54 4.73 9.31
CA THR A 104 -10.66 6.19 9.21
C THR A 104 -10.78 6.77 10.59
N TRP A 105 -9.92 7.74 10.89
CA TRP A 105 -10.01 8.45 12.14
C TRP A 105 -10.31 9.95 11.95
N GLN A 106 -10.97 10.51 12.93
CA GLN A 106 -10.97 11.97 13.11
C GLN A 106 -9.73 12.33 13.87
N THR A 107 -9.05 13.38 13.39
CA THR A 107 -7.83 13.89 13.95
C THR A 107 -8.12 14.93 15.06
N PRO A 108 -7.15 15.13 15.98
CA PRO A 108 -7.27 16.23 16.96
C PRO A 108 -7.56 17.59 16.31
N ASP A 109 -7.20 17.77 15.04
CA ASP A 109 -7.41 19.05 14.35
C ASP A 109 -8.78 19.17 13.66
N GLY A 110 -9.61 18.13 13.73
CA GLY A 110 -10.98 18.21 13.23
C GLY A 110 -11.32 17.62 11.86
N ASN A 111 -10.30 17.24 11.10
CA ASN A 111 -10.50 16.56 9.84
C ASN A 111 -10.25 15.06 10.05
N GLN A 112 -10.05 14.36 8.94
CA GLN A 112 -9.94 12.89 8.96
C GLN A 112 -8.65 12.37 8.34
N VAL A 113 -8.17 11.22 8.80
CA VAL A 113 -7.11 10.51 8.11
C VAL A 113 -7.49 9.04 7.98
N VAL A 114 -6.98 8.42 6.92
CA VAL A 114 -7.37 7.07 6.53
C VAL A 114 -6.10 6.31 6.28
N ARG A 115 -6.05 5.05 6.77
CA ARG A 115 -4.94 4.16 6.53
C ARG A 115 -5.47 2.78 6.13
N ASP A 116 -4.72 2.07 5.29
CA ASP A 116 -5.17 0.72 4.92
C ASP A 116 -3.99 -0.21 4.71
N LYS A 117 -4.21 -1.52 4.75
CA LYS A 117 -3.10 -2.48 4.63
C LYS A 117 -3.65 -3.79 4.13
N ILE A 118 -2.87 -4.43 3.28
CA ILE A 118 -3.28 -5.63 2.59
C ILE A 118 -2.61 -6.90 3.20
N THR A 119 -3.40 -7.96 3.37
CA THR A 119 -2.88 -9.26 3.78
C THR A 119 -3.34 -10.31 2.75
N GLU A 120 -2.52 -11.35 2.60
CA GLU A 120 -2.91 -12.50 1.81
C GLU A 120 -3.41 -13.61 2.72
N LEU A 121 -4.63 -14.11 2.50
CA LEU A 121 -5.16 -15.27 3.23
C LEU A 121 -4.93 -16.57 2.46
N ARG A 122 -4.19 -17.49 3.06
CA ARG A 122 -4.00 -18.80 2.47
C ARG A 122 -4.86 -19.80 3.24
N VAL A 123 -5.37 -20.82 2.55
CA VAL A 123 -6.24 -21.79 3.18
C VAL A 123 -5.62 -23.13 3.02
N GLN A 124 -5.30 -23.75 4.15
CA GLN A 124 -4.47 -24.96 4.22
C GLN A 124 -5.29 -26.21 4.50
N LYS A 125 -4.97 -27.29 3.82
CA LYS A 125 -5.61 -28.58 4.09
C LYS A 125 -4.80 -29.39 5.09
N GLN B 1 9.18 -12.14 1.26
CA GLN B 1 10.05 -10.97 1.69
C GLN B 1 10.89 -10.39 0.52
N VAL B 2 10.94 -9.05 0.40
CA VAL B 2 11.16 -8.48 -0.94
C VAL B 2 12.44 -7.67 -1.16
N GLN B 3 13.21 -8.10 -2.15
CA GLN B 3 14.39 -7.38 -2.60
C GLN B 3 14.06 -6.54 -3.83
N LEU B 4 14.52 -5.30 -3.83
CA LEU B 4 14.26 -4.37 -4.92
C LEU B 4 15.55 -3.93 -5.53
N VAL B 5 15.60 -3.89 -6.85
CA VAL B 5 16.76 -3.39 -7.59
C VAL B 5 16.40 -2.39 -8.66
N GLU B 6 16.88 -1.15 -8.49
CA GLU B 6 16.68 -0.08 -9.49
C GLU B 6 17.67 -0.20 -10.63
N SER B 7 17.24 0.09 -11.86
CA SER B 7 18.15 0.27 -12.97
C SER B 7 17.73 1.43 -13.87
N GLY B 8 18.62 1.81 -14.75
CA GLY B 8 18.31 2.80 -15.75
C GLY B 8 18.71 4.23 -15.41
N GLY B 9 19.34 4.43 -14.26
CA GLY B 9 19.85 5.76 -13.92
C GLY B 9 20.97 6.18 -14.86
N GLY B 10 21.33 7.46 -14.81
CA GLY B 10 22.48 7.96 -15.55
C GLY B 10 22.56 9.48 -15.63
N LEU B 11 23.38 9.93 -16.59
CA LEU B 11 23.68 11.35 -16.85
C LEU B 11 22.85 11.79 -18.02
N VAL B 12 22.02 12.79 -17.88
CA VAL B 12 21.16 13.20 -19.00
C VAL B 12 21.17 14.71 -19.05
N GLN B 13 20.85 15.29 -20.20
CA GLN B 13 20.87 16.75 -20.29
C GLN B 13 19.52 17.36 -19.94
N ALA B 14 19.54 18.60 -19.48
CA ALA B 14 18.30 19.28 -19.16
C ALA B 14 17.40 19.27 -20.40
N GLY B 15 16.11 19.02 -20.20
CA GLY B 15 15.14 18.94 -21.30
C GLY B 15 14.95 17.51 -21.82
N GLY B 16 15.81 16.61 -21.37
CA GLY B 16 15.79 15.22 -21.81
C GLY B 16 14.76 14.36 -21.12
N SER B 17 14.83 13.04 -21.38
CA SER B 17 13.90 12.06 -20.82
C SER B 17 14.73 10.90 -20.33
N LEU B 18 14.25 10.21 -19.31
CA LEU B 18 14.97 9.08 -18.75
C LEU B 18 13.92 8.17 -18.15
N ARG B 19 14.08 6.86 -18.34
CA ARG B 19 13.13 5.88 -17.84
C ARG B 19 13.80 4.95 -16.85
N LEU B 20 13.41 5.05 -15.57
CA LEU B 20 13.89 4.13 -14.53
C LEU B 20 13.01 2.89 -14.40
N SER B 21 13.63 1.82 -13.92
CA SER B 21 12.99 0.53 -13.69
C SER B 21 13.34 0.06 -12.31
N CYS B 22 12.40 -0.63 -11.69
CA CYS B 22 12.70 -1.36 -10.46
C CYS B 22 12.11 -2.78 -10.48
N ALA B 23 12.96 -3.78 -10.32
CA ALA B 23 12.55 -5.18 -10.36
C ALA B 23 12.39 -5.65 -8.93
N ALA B 24 11.34 -6.42 -8.67
CA ALA B 24 11.10 -7.01 -7.34
C ALA B 24 11.28 -8.52 -7.39
N SER B 25 11.84 -9.06 -6.31
CA SER B 25 11.92 -10.51 -6.14
C SER B 25 10.60 -11.02 -5.64
N GLY B 26 10.35 -12.34 -5.75
CA GLY B 26 9.18 -12.93 -5.11
C GLY B 26 8.02 -13.15 -6.04
N ARG B 27 6.92 -13.68 -5.49
CA ARG B 27 5.73 -14.00 -6.28
C ARG B 27 4.51 -13.29 -5.69
N THR B 28 4.74 -12.25 -4.91
CA THR B 28 3.69 -11.46 -4.27
C THR B 28 3.65 -10.01 -4.78
N PHE B 29 4.26 -9.74 -5.94
CA PHE B 29 4.44 -8.35 -6.39
C PHE B 29 3.08 -7.65 -6.49
N SER B 30 2.08 -8.40 -6.93
CA SER B 30 0.68 -7.98 -6.95
C SER B 30 0.12 -7.57 -5.62
N SER B 31 0.82 -7.85 -4.54
CA SER B 31 0.29 -7.54 -3.21
C SER B 31 0.77 -6.18 -2.73
N TYR B 32 1.62 -5.51 -3.52
CA TYR B 32 2.37 -4.34 -3.02
C TYR B 32 2.07 -3.07 -3.79
N GLY B 33 1.72 -2.03 -3.06
CA GLY B 33 1.84 -0.67 -3.58
C GLY B 33 3.32 -0.38 -3.80
N MET B 34 3.66 0.24 -4.93
CA MET B 34 5.06 0.57 -5.25
C MET B 34 5.27 2.07 -5.36
N GLY B 35 6.46 2.50 -4.96
CA GLY B 35 6.78 3.91 -4.84
C GLY B 35 8.20 4.25 -5.27
N TRP B 36 8.38 5.51 -5.71
CA TRP B 36 9.67 6.13 -5.95
C TRP B 36 9.86 7.31 -5.03
N PHE B 37 11.07 7.40 -4.48
CA PHE B 37 11.45 8.50 -3.64
C PHE B 37 12.79 8.99 -4.18
N ARG B 38 13.22 10.15 -3.76
CA ARG B 38 14.55 10.63 -4.21
C ARG B 38 15.20 11.47 -3.13
N GLN B 39 16.53 11.57 -3.20
CA GLN B 39 17.28 12.31 -2.21
C GLN B 39 18.47 13.00 -2.81
N ALA B 40 18.41 14.33 -2.77
CA ALA B 40 19.44 15.17 -3.31
C ALA B 40 20.49 15.49 -2.27
N PRO B 41 21.65 15.96 -2.73
CA PRO B 41 22.75 16.29 -1.82
C PRO B 41 22.32 17.21 -0.69
N GLY B 42 22.51 16.77 0.55
CA GLY B 42 22.35 17.63 1.71
C GLY B 42 20.92 17.69 2.20
N LYS B 43 20.00 17.19 1.38
CA LYS B 43 18.56 17.30 1.59
C LYS B 43 17.93 16.01 2.06
N GLU B 44 16.75 16.10 2.65
CA GLU B 44 16.12 14.89 3.12
C GLU B 44 15.37 14.19 1.97
N ARG B 45 15.16 12.90 2.15
CA ARG B 45 14.53 12.08 1.13
C ARG B 45 13.07 12.53 1.00
N GLU B 46 12.57 12.58 -0.22
CA GLU B 46 11.21 13.10 -0.48
C GLU B 46 10.52 12.21 -1.47
N PHE B 47 9.19 12.18 -1.35
CA PHE B 47 8.33 11.42 -2.24
C PHE B 47 8.40 11.93 -3.69
N VAL B 48 8.25 11.01 -4.65
CA VAL B 48 8.18 11.35 -6.07
C VAL B 48 6.90 10.84 -6.66
N ALA B 49 6.67 9.54 -6.56
CA ALA B 49 5.48 8.91 -7.17
C ALA B 49 5.13 7.56 -6.59
N ALA B 50 3.84 7.24 -6.63
CA ALA B 50 3.42 5.92 -6.20
C ALA B 50 2.31 5.35 -7.09
N ILE B 51 2.22 4.03 -7.07
CA ILE B 51 1.22 3.31 -7.84
C ILE B 51 0.66 2.11 -7.05
N ARG B 52 -0.67 2.07 -7.04
CA ARG B 52 -1.42 1.03 -6.40
C ARG B 52 -1.11 -0.36 -6.97
N TRP B 53 -1.30 -1.38 -6.15
CA TRP B 53 -1.02 -2.77 -6.50
C TRP B 53 -1.65 -3.23 -7.83
N ASN B 54 -2.85 -2.74 -8.13
CA ASN B 54 -3.58 -3.04 -9.36
C ASN B 54 -3.24 -2.14 -10.53
N GLY B 55 -2.37 -1.16 -10.33
CA GLY B 55 -2.11 -0.20 -11.40
C GLY B 55 -3.31 0.74 -11.43
N GLY B 56 -3.28 1.68 -12.34
CA GLY B 56 -4.37 2.65 -12.33
C GLY B 56 -4.17 3.79 -11.33
N SER B 57 -4.56 3.65 -10.04
CA SER B 57 -4.42 4.83 -9.18
C SER B 57 -2.95 5.08 -8.96
N THR B 58 -2.60 6.35 -9.19
CA THR B 58 -1.21 6.82 -9.10
C THR B 58 -1.24 8.10 -8.34
N TYR B 59 -0.09 8.46 -7.78
CA TYR B 59 0.03 9.59 -6.87
C TYR B 59 1.36 10.24 -7.16
N TYR B 60 1.41 11.59 -7.17
CA TYR B 60 2.62 12.30 -7.50
C TYR B 60 2.91 13.51 -6.60
N ALA B 61 4.19 13.71 -6.32
CA ALA B 61 4.62 14.94 -5.68
C ALA B 61 4.38 16.10 -6.64
N ASP B 62 3.96 17.26 -6.10
CA ASP B 62 3.70 18.44 -6.92
C ASP B 62 4.88 18.80 -7.76
N SER B 63 6.08 18.49 -7.27
CA SER B 63 7.31 18.86 -7.99
C SER B 63 7.47 18.18 -9.35
N VAL B 64 6.84 17.04 -9.52
CA VAL B 64 7.08 16.27 -10.74
C VAL B 64 5.80 15.96 -11.49
N LYS B 65 4.68 16.35 -10.88
CA LYS B 65 3.35 16.14 -11.41
C LYS B 65 3.34 16.54 -12.88
N GLY B 66 2.74 15.70 -13.72
CA GLY B 66 2.73 15.96 -15.15
C GLY B 66 3.97 15.55 -15.95
N ARG B 67 5.16 15.74 -15.37
CA ARG B 67 6.43 15.48 -16.03
C ARG B 67 6.86 14.02 -15.90
N PHE B 68 6.58 13.45 -14.73
CA PHE B 68 6.91 12.05 -14.46
C PHE B 68 5.62 11.22 -14.46
N THR B 69 5.71 9.98 -14.95
CA THR B 69 4.63 9.01 -14.86
C THR B 69 5.12 7.67 -14.35
N ILE B 70 4.35 7.10 -13.44
CA ILE B 70 4.69 5.82 -12.86
C ILE B 70 3.74 4.79 -13.48
N SER B 71 4.29 3.61 -13.76
CA SER B 71 3.56 2.48 -14.32
C SER B 71 4.08 1.20 -13.71
N ARG B 72 3.37 0.10 -13.94
CA ARG B 72 3.86 -1.20 -13.47
C ARG B 72 3.47 -2.31 -14.42
N ASP B 73 4.26 -3.36 -14.39
CA ASP B 73 3.93 -4.56 -15.16
C ASP B 73 4.02 -5.71 -14.19
N ASN B 74 2.88 -6.10 -13.63
CA ASN B 74 2.85 -7.15 -12.62
C ASN B 74 3.35 -8.52 -13.13
N ALA B 75 3.18 -8.79 -14.41
CA ALA B 75 3.70 -10.06 -14.99
C ALA B 75 5.22 -10.09 -14.93
N LYS B 76 5.86 -8.92 -14.89
CA LYS B 76 7.32 -8.83 -14.96
C LYS B 76 7.94 -8.39 -13.61
N ASN B 77 7.13 -8.27 -12.57
CA ASN B 77 7.60 -7.80 -11.25
C ASN B 77 8.38 -6.45 -11.31
N THR B 78 7.90 -5.55 -12.15
CA THR B 78 8.61 -4.30 -12.42
C THR B 78 7.71 -3.05 -12.28
N VAL B 79 8.25 -2.01 -11.69
CA VAL B 79 7.65 -0.66 -11.77
C VAL B 79 8.59 0.21 -12.54
N TYR B 80 8.01 1.16 -13.25
CA TYR B 80 8.76 2.11 -14.08
C TYR B 80 8.51 3.54 -13.68
N LEU B 81 9.50 4.38 -13.94
CA LEU B 81 9.35 5.80 -13.74
C LEU B 81 9.86 6.48 -14.98
N GLN B 82 8.90 6.95 -15.77
CA GLN B 82 9.19 7.70 -17.00
C GLN B 82 9.37 9.14 -16.62
N MET B 83 10.59 9.65 -16.73
CA MET B 83 10.89 11.05 -16.34
C MET B 83 11.08 11.92 -17.54
N ASN B 84 10.09 12.76 -17.78
CA ASN B 84 10.13 13.63 -18.96
C ASN B 84 10.42 15.05 -18.54
N SER B 85 10.78 15.87 -19.53
CA SER B 85 11.03 17.28 -19.32
C SER B 85 11.96 17.53 -18.14
N LEU B 86 13.12 16.86 -18.14
CA LEU B 86 13.98 16.87 -16.98
C LEU B 86 14.63 18.26 -16.70
N LYS B 87 14.82 18.56 -15.41
CA LYS B 87 15.44 19.80 -14.92
C LYS B 87 16.63 19.46 -14.05
N PRO B 88 17.64 20.36 -13.94
CA PRO B 88 18.74 20.04 -13.03
C PRO B 88 18.36 19.74 -11.55
N GLU B 89 17.34 20.39 -11.00
CA GLU B 89 16.88 20.13 -9.65
C GLU B 89 16.26 18.75 -9.47
N ASP B 90 16.13 17.97 -10.56
CA ASP B 90 15.69 16.56 -10.47
C ASP B 90 16.86 15.66 -10.14
N THR B 91 18.07 16.21 -10.12
CA THR B 91 19.25 15.43 -9.79
C THR B 91 19.13 14.90 -8.36
N ALA B 92 19.28 13.58 -8.20
CA ALA B 92 19.19 12.95 -6.89
C ALA B 92 19.48 11.48 -7.08
N VAL B 93 19.63 10.79 -5.96
CA VAL B 93 19.56 9.35 -5.92
C VAL B 93 18.05 8.97 -5.85
N TYR B 94 17.62 8.10 -6.76
CA TYR B 94 16.22 7.66 -6.81
C TYR B 94 16.06 6.23 -6.24
N TYR B 95 15.16 6.09 -5.27
CA TYR B 95 14.91 4.84 -4.59
C TYR B 95 13.56 4.26 -4.93
N CYS B 96 13.57 2.97 -5.26
CA CYS B 96 12.39 2.16 -5.37
C CYS B 96 11.98 1.69 -3.96
N ALA B 97 10.68 1.60 -3.73
CA ALA B 97 10.16 1.16 -2.43
C ALA B 97 8.86 0.39 -2.59
N ALA B 98 8.60 -0.50 -1.62
CA ALA B 98 7.42 -1.35 -1.63
C ALA B 98 6.74 -1.42 -0.26
N GLY B 99 5.41 -1.29 -0.24
CA GLY B 99 4.64 -1.33 1.01
C GLY B 99 3.31 -2.06 0.77
N ARG B 100 2.59 -2.38 1.84
CA ARG B 100 1.30 -3.09 1.65
C ARG B 100 0.07 -2.20 1.91
N TRP B 101 0.26 -0.88 1.83
CA TRP B 101 -0.87 0.03 1.63
C TRP B 101 -1.66 -0.31 0.33
N ASP B 102 -2.96 0.00 0.33
CA ASP B 102 -3.83 -0.32 -0.77
C ASP B 102 -4.09 0.99 -1.52
N LYS B 103 -4.81 1.92 -0.89
CA LYS B 103 -5.20 3.20 -1.52
C LYS B 103 -4.61 4.42 -0.79
N TYR B 104 -4.17 4.26 0.46
CA TYR B 104 -3.93 5.42 1.35
C TYR B 104 -2.47 5.50 1.88
N GLY B 105 -2.00 6.70 2.13
CA GLY B 105 -0.71 6.91 2.78
C GLY B 105 0.49 6.81 1.87
N SER B 106 0.27 6.72 0.55
CA SER B 106 1.35 6.36 -0.37
C SER B 106 2.47 7.39 -0.46
N SER B 107 2.24 8.62 0.03
CA SER B 107 3.25 9.63 -0.06
C SER B 107 4.27 9.59 1.09
N PHE B 108 4.09 8.66 2.02
CA PHE B 108 4.85 8.67 3.28
C PHE B 108 5.82 7.52 3.29
N GLN B 109 7.08 7.84 3.61
CA GLN B 109 8.13 6.82 3.58
C GLN B 109 7.77 5.68 4.50
N ASP B 110 7.16 6.02 5.61
CA ASP B 110 6.87 5.04 6.65
C ASP B 110 5.88 3.96 6.22
N GLU B 111 5.16 4.18 5.13
CA GLU B 111 4.21 3.22 4.62
C GLU B 111 4.88 2.12 3.77
N TYR B 112 6.18 2.21 3.61
CA TYR B 112 6.94 1.29 2.78
C TYR B 112 7.90 0.46 3.63
N ASP B 113 7.87 -0.86 3.46
CA ASP B 113 8.73 -1.77 4.25
C ASP B 113 10.06 -2.05 3.59
N TYR B 114 10.03 -2.15 2.28
CA TYR B 114 11.24 -2.53 1.55
C TYR B 114 11.75 -1.43 0.61
N TRP B 115 13.06 -1.24 0.62
CA TRP B 115 13.75 -0.20 -0.12
C TRP B 115 14.87 -0.78 -1.00
N GLY B 116 15.05 -0.23 -2.19
CA GLY B 116 16.26 -0.50 -2.97
C GLY B 116 17.42 0.32 -2.43
N GLN B 117 18.61 0.13 -3.00
CA GLN B 117 19.80 0.84 -2.61
C GLN B 117 19.86 2.22 -3.24
N GLY B 118 19.09 2.39 -4.32
CA GLY B 118 18.92 3.65 -5.04
C GLY B 118 19.81 3.69 -6.28
N THR B 119 19.39 4.48 -7.29
CA THR B 119 20.19 4.73 -8.48
C THR B 119 20.34 6.27 -8.74
N GLN B 120 21.57 6.66 -9.14
CA GLN B 120 21.87 8.06 -9.42
C GLN B 120 21.30 8.52 -10.75
N VAL B 121 20.59 9.64 -10.70
CA VAL B 121 20.18 10.41 -11.88
C VAL B 121 20.80 11.78 -11.77
N THR B 122 21.45 12.20 -12.85
CA THR B 122 22.09 13.50 -12.89
C THR B 122 21.62 14.21 -14.15
N VAL B 123 21.09 15.41 -13.94
CA VAL B 123 20.63 16.27 -15.02
C VAL B 123 21.52 17.50 -15.06
N SER B 124 22.26 17.60 -16.15
CA SER B 124 23.28 18.62 -16.33
C SER B 124 22.73 19.91 -16.89
N SER B 125 23.39 21.00 -16.53
CA SER B 125 23.19 22.31 -17.12
C SER B 125 24.33 22.54 -18.11
#